data_1E4G
#
_entry.id   1E4G
#
_cell.length_a   50.450
_cell.length_b   73.740
_cell.length_c   57.040
_cell.angle_alpha   90.00
_cell.angle_beta   113.46
_cell.angle_gamma   90.00
#
_symmetry.space_group_name_H-M   'P 1 21 1'
#
loop_
_entity.id
_entity.type
_entity.pdbx_description
1 polymer 'CELL DIVISION PROTEIN FTSA'
2 non-polymer "ADENOSINE-5'-TRIPHOSPHATE"
3 non-polymer 'MAGNESIUM ION'
4 water water
#
_entity_poly.entity_id   1
_entity_poly.type   'polypeptide(L)'
_entity_poly.pdbx_seq_one_letter_code
;(MSE)IDLSKTVFYTSIDIGSRYIKGLVLGKRDQEWEALAFSSVKSRGLDEGEIKDAIAFKESVNTLLKELEEQLQKSLR
SDFVISFSSVSFEREDTVIERDFGEEKRSITLDILSE(MSE)QSEALEKLKENGKTPLHIFSKRYLLDDERIVFNPLD
(MSE)KASKIAIEYTSIVVPLKVYE(MSE)FYNFLQDTVKSPFQLKSSLVSTAEGVLTTPEKDRGVVVVNLGYNFTGLIA
YKNGVPIKISYVPVG(MSE)KHVIKDVSAVLDTSFEESERLIITHGNAVYNDLKEEEIQYRGLDGNTIKTTTAKKLSVII
HARLREI(MSE)SKSKKFFREVEAKIVEEGEIGIPGGVVLTGGGAKIPRINELATEVFKSPVRTGCYANSDRPSIINADE
VANDPSFAAAFGNVFAVSENPYEETPVKSENPLKKIFRLFKEL(MSE)E
;
_entity_poly.pdbx_strand_id   T
#
# COMPACT_ATOMS: atom_id res chain seq x y z
N LYS A 6 19.47 23.55 -3.56
CA LYS A 6 18.01 23.62 -3.85
C LYS A 6 17.23 22.45 -3.22
N THR A 7 16.01 22.75 -2.76
CA THR A 7 15.16 21.73 -2.14
C THR A 7 14.01 21.32 -3.06
N VAL A 8 14.16 20.17 -3.72
CA VAL A 8 13.13 19.64 -4.61
C VAL A 8 12.03 18.96 -3.78
N PHE A 9 10.77 19.25 -4.08
CA PHE A 9 9.65 18.70 -3.32
C PHE A 9 8.99 17.45 -3.88
N TYR A 10 8.63 16.55 -2.98
CA TYR A 10 7.98 15.30 -3.35
C TYR A 10 6.66 15.12 -2.63
N THR A 11 5.60 15.49 -3.33
CA THR A 11 4.24 15.44 -2.82
C THR A 11 3.65 14.05 -3.04
N SER A 12 2.87 13.56 -2.09
CA SER A 12 2.28 12.24 -2.20
C SER A 12 0.94 12.08 -1.48
N ILE A 13 -0.02 11.48 -2.17
CA ILE A 13 -1.34 11.27 -1.58
C ILE A 13 -1.71 9.79 -1.61
N ASP A 14 -2.28 9.31 -0.51
CA ASP A 14 -2.70 7.91 -0.44
C ASP A 14 -4.19 7.89 -0.20
N ILE A 15 -4.95 7.57 -1.24
CA ILE A 15 -6.40 7.53 -1.15
C ILE A 15 -6.94 6.19 -0.67
N GLY A 16 -7.42 6.18 0.56
CA GLY A 16 -7.96 4.96 1.11
C GLY A 16 -9.45 5.09 1.25
N SER A 17 -10.12 3.96 1.45
CA SER A 17 -11.56 3.95 1.60
C SER A 17 -12.01 4.59 2.89
N ARG A 18 -11.10 4.78 3.83
CA ARG A 18 -11.47 5.36 5.11
C ARG A 18 -10.74 6.67 5.39
N TYR A 19 -9.47 6.73 5.01
CA TYR A 19 -8.69 7.94 5.23
C TYR A 19 -7.87 8.27 3.99
N ILE A 20 -7.64 9.55 3.77
CA ILE A 20 -6.82 9.99 2.66
C ILE A 20 -5.62 10.60 3.34
N LYS A 21 -4.45 10.01 3.12
CA LYS A 21 -3.23 10.50 3.73
C LYS A 21 -2.43 11.36 2.77
N GLY A 22 -1.90 12.45 3.30
CA GLY A 22 -1.11 13.34 2.49
C GLY A 22 0.28 13.48 3.07
N LEU A 23 1.26 13.68 2.21
CA LEU A 23 2.61 13.82 2.69
C LEU A 23 3.49 14.55 1.70
N VAL A 24 4.36 15.41 2.20
CA VAL A 24 5.26 16.16 1.35
C VAL A 24 6.66 16.02 1.90
N LEU A 25 7.56 15.48 1.07
CA LEU A 25 8.94 15.28 1.45
C LEU A 25 9.83 16.21 0.65
N GLY A 26 10.94 16.62 1.28
CA GLY A 26 11.88 17.49 0.64
C GLY A 26 13.24 16.83 0.54
N LYS A 27 13.82 16.87 -0.65
CA LYS A 27 15.13 16.28 -0.90
C LYS A 27 16.09 17.41 -1.20
N ARG A 28 17.12 17.52 -0.38
CA ARG A 28 18.14 18.57 -0.54
C ARG A 28 19.52 18.03 -0.14
N ASP A 29 20.34 17.64 -1.14
CA ASP A 29 21.70 17.08 -0.95
C ASP A 29 21.59 15.57 -0.70
N GLN A 30 20.33 15.17 -0.52
CA GLN A 30 19.94 13.80 -0.18
C GLN A 30 19.70 14.09 1.29
N GLU A 31 18.68 14.91 1.55
CA GLU A 31 18.34 15.29 2.90
C GLU A 31 16.84 15.18 3.02
N TRP A 32 16.36 13.94 2.95
CA TRP A 32 14.95 13.66 3.04
C TRP A 32 14.37 14.17 4.32
N GLU A 33 13.34 15.00 4.19
CA GLU A 33 12.67 15.58 5.34
C GLU A 33 11.18 15.58 5.15
N ALA A 34 10.43 15.52 6.24
CA ALA A 34 8.98 15.52 6.18
C ALA A 34 8.49 16.93 6.44
N LEU A 35 8.42 17.72 5.37
CA LEU A 35 7.97 19.12 5.44
C LEU A 35 6.52 19.26 5.86
N ALA A 36 5.68 18.30 5.48
CA ALA A 36 4.27 18.36 5.83
C ALA A 36 3.58 17.03 5.70
N PHE A 37 2.50 16.86 6.46
CA PHE A 37 1.72 15.65 6.40
C PHE A 37 0.45 15.72 7.24
N SER A 38 -0.57 15.01 6.79
CA SER A 38 -1.83 14.96 7.51
C SER A 38 -2.74 13.89 6.93
N SER A 39 -3.82 13.62 7.64
CA SER A 39 -4.78 12.61 7.24
C SER A 39 -6.16 13.21 7.34
N VAL A 40 -7.08 12.78 6.48
CA VAL A 40 -8.43 13.31 6.49
C VAL A 40 -9.43 12.20 6.20
N LYS A 41 -10.65 12.34 6.68
CA LYS A 41 -11.65 11.32 6.43
C LYS A 41 -11.95 11.25 4.95
N SER A 42 -11.89 10.04 4.40
CA SER A 42 -12.15 9.84 2.99
C SER A 42 -13.64 9.96 2.71
N ARG A 43 -13.98 10.51 1.56
CA ARG A 43 -15.38 10.66 1.21
C ARG A 43 -15.67 10.40 -0.26
N GLY A 44 -16.93 10.11 -0.53
CA GLY A 44 -17.37 9.90 -1.89
C GLY A 44 -17.15 8.54 -2.50
N LEU A 45 -16.50 7.64 -1.78
CA LEU A 45 -16.27 6.32 -2.34
C LEU A 45 -16.41 5.20 -1.35
N ASP A 46 -17.35 4.30 -1.65
CA ASP A 46 -17.55 3.11 -0.82
C ASP A 46 -16.13 2.55 -0.91
N GLU A 47 -15.79 2.10 -2.12
CA GLU A 47 -14.48 1.61 -2.45
C GLU A 47 -14.43 1.03 -3.81
N GLY A 48 -13.38 1.40 -4.51
CA GLY A 48 -13.19 0.96 -5.88
C GLY A 48 -13.80 2.10 -6.63
N GLU A 49 -15.12 2.25 -6.50
CA GLU A 49 -15.79 3.32 -7.19
C GLU A 49 -16.11 4.55 -6.36
N ILE A 50 -15.90 5.70 -6.98
CA ILE A 50 -16.20 6.98 -6.38
C ILE A 50 -17.69 7.16 -6.69
N LYS A 51 -18.52 7.18 -5.65
CA LYS A 51 -19.95 7.32 -5.85
C LYS A 51 -20.48 8.70 -5.56
N ASP A 52 -19.57 9.65 -5.40
CA ASP A 52 -19.92 11.02 -5.12
C ASP A 52 -18.64 11.82 -5.30
N ALA A 53 -18.33 12.12 -6.56
CA ALA A 53 -17.14 12.88 -6.90
C ALA A 53 -17.10 14.23 -6.20
N ILE A 54 -18.27 14.77 -5.86
CA ILE A 54 -18.31 16.07 -5.19
C ILE A 54 -17.78 15.93 -3.77
N ALA A 55 -18.27 14.92 -3.05
CA ALA A 55 -17.83 14.69 -1.67
C ALA A 55 -16.36 14.30 -1.68
N PHE A 56 -15.97 13.48 -2.64
CA PHE A 56 -14.60 13.03 -2.76
C PHE A 56 -13.63 14.18 -3.07
N LYS A 57 -13.95 15.00 -4.05
CA LYS A 57 -13.07 16.10 -4.43
C LYS A 57 -12.78 17.07 -3.31
N GLU A 58 -13.74 17.28 -2.42
CA GLU A 58 -13.51 18.19 -1.31
C GLU A 58 -12.60 17.56 -0.28
N SER A 59 -12.77 16.27 -0.04
CA SER A 59 -11.92 15.57 0.92
C SER A 59 -10.48 15.78 0.47
N VAL A 60 -10.25 15.67 -0.83
CA VAL A 60 -8.93 15.87 -1.38
C VAL A 60 -8.48 17.33 -1.26
N ASN A 61 -9.43 18.26 -1.30
CA ASN A 61 -9.07 19.66 -1.16
C ASN A 61 -8.73 20.01 0.28
N THR A 62 -9.47 19.40 1.21
CA THR A 62 -9.21 19.64 2.62
C THR A 62 -7.77 19.20 2.89
N LEU A 63 -7.43 18.01 2.39
CA LEU A 63 -6.08 17.49 2.56
C LEU A 63 -5.08 18.46 1.96
N LEU A 64 -5.32 18.82 0.70
CA LEU A 64 -4.43 19.75 0.00
C LEU A 64 -4.26 21.07 0.75
N LYS A 65 -5.34 21.55 1.36
CA LYS A 65 -5.27 22.78 2.13
C LYS A 65 -4.32 22.54 3.28
N GLU A 66 -4.67 21.56 4.13
CA GLU A 66 -3.84 21.23 5.28
C GLU A 66 -2.36 21.13 4.93
N LEU A 67 -2.06 20.53 3.78
CA LEU A 67 -0.67 20.38 3.37
C LEU A 67 0.01 21.68 2.97
N GLU A 68 -0.65 22.44 2.11
CA GLU A 68 -0.13 23.70 1.62
C GLU A 68 0.14 24.62 2.80
N GLU A 69 -0.81 24.64 3.73
CA GLU A 69 -0.72 25.45 4.92
C GLU A 69 0.53 25.15 5.72
N GLN A 70 0.77 23.88 6.00
CA GLN A 70 1.95 23.46 6.75
C GLN A 70 3.23 23.89 6.06
N LEU A 71 3.23 23.78 4.74
CA LEU A 71 4.40 24.14 3.95
C LEU A 71 4.58 25.64 3.81
N GLN A 72 3.59 26.42 4.27
CA GLN A 72 3.67 27.86 4.15
C GLN A 72 4.05 28.11 2.69
N LYS A 73 3.51 27.28 1.81
CA LYS A 73 3.78 27.41 0.39
C LYS A 73 2.62 26.92 -0.45
N SER A 74 2.87 26.75 -1.75
CA SER A 74 1.82 26.30 -2.65
C SER A 74 2.34 25.12 -3.47
N LEU A 75 1.70 23.96 -3.33
CA LEU A 75 2.11 22.77 -4.06
C LEU A 75 1.92 22.93 -5.57
N ARG A 76 3.03 22.90 -6.30
CA ARG A 76 2.98 23.02 -7.75
C ARG A 76 3.87 21.96 -8.38
N SER A 77 4.48 21.15 -7.53
CA SER A 77 5.35 20.07 -7.99
C SER A 77 4.47 18.89 -8.39
N ASP A 78 5.08 17.90 -9.04
CA ASP A 78 4.33 16.72 -9.47
C ASP A 78 3.95 15.81 -8.32
N PHE A 79 2.71 15.36 -8.33
CA PHE A 79 2.19 14.49 -7.29
C PHE A 79 2.29 13.02 -7.65
N VAL A 80 2.31 12.19 -6.62
CA VAL A 80 2.32 10.75 -6.78
C VAL A 80 1.12 10.33 -5.93
N ILE A 81 0.05 9.90 -6.58
CA ILE A 81 -1.16 9.48 -5.89
C ILE A 81 -1.41 8.00 -6.02
N SER A 82 -1.62 7.33 -4.89
CA SER A 82 -1.91 5.91 -4.88
C SER A 82 -3.34 5.74 -4.40
N PHE A 83 -3.99 4.65 -4.79
CA PHE A 83 -5.35 4.34 -4.35
C PHE A 83 -5.51 2.82 -4.26
N SER A 84 -6.49 2.37 -3.52
CA SER A 84 -6.72 0.96 -3.31
C SER A 84 -7.78 0.36 -4.23
N SER A 85 -7.50 -0.82 -4.75
CA SER A 85 -8.45 -1.49 -5.62
C SER A 85 -8.33 -2.99 -5.52
N VAL A 86 -9.47 -3.64 -5.67
CA VAL A 86 -9.54 -5.08 -5.65
C VAL A 86 -9.13 -5.61 -7.01
N SER A 87 -9.15 -4.72 -8.00
CA SER A 87 -8.84 -5.09 -9.38
C SER A 87 -7.40 -5.01 -9.84
N PHE A 88 -6.46 -4.72 -8.94
CA PHE A 88 -5.05 -4.67 -9.34
C PHE A 88 -4.57 -6.08 -9.65
N GLU A 89 -3.70 -6.23 -10.65
CA GLU A 89 -3.19 -7.55 -10.96
C GLU A 89 -1.87 -7.57 -11.70
N ARG A 90 -1.16 -8.68 -11.54
CA ARG A 90 0.14 -8.85 -12.15
C ARG A 90 0.08 -9.29 -13.61
N GLU A 91 0.92 -8.68 -14.44
CA GLU A 91 1.03 -8.97 -15.87
C GLU A 91 2.49 -8.89 -16.30
N ASP A 92 2.91 -9.83 -17.13
CA ASP A 92 4.28 -9.85 -17.59
C ASP A 92 4.34 -9.61 -19.09
N THR A 93 5.55 -9.35 -19.58
CA THR A 93 5.78 -9.13 -21.00
C THR A 93 7.29 -9.16 -21.20
N VAL A 94 7.75 -9.64 -22.35
CA VAL A 94 9.18 -9.61 -22.58
C VAL A 94 9.46 -8.74 -23.77
N ILE A 95 10.61 -8.10 -23.75
CA ILE A 95 11.01 -7.24 -24.84
C ILE A 95 12.41 -7.64 -25.21
N GLU A 96 12.64 -7.73 -26.51
CA GLU A 96 13.94 -8.14 -27.00
C GLU A 96 14.47 -7.23 -28.10
N ARG A 97 15.80 -7.20 -28.21
CA ARG A 97 16.48 -6.41 -29.22
C ARG A 97 17.58 -7.25 -29.86
N ASP A 98 17.68 -7.17 -31.18
CA ASP A 98 18.68 -7.90 -31.94
C ASP A 98 19.46 -6.89 -32.76
N PHE A 99 20.70 -6.62 -32.37
CA PHE A 99 21.51 -5.66 -33.11
C PHE A 99 22.27 -6.38 -34.22
N GLY A 100 21.72 -7.52 -34.64
CA GLY A 100 22.35 -8.28 -35.69
C GLY A 100 23.67 -8.85 -35.22
N GLU A 101 24.70 -8.76 -36.05
CA GLU A 101 26.00 -9.28 -35.70
C GLU A 101 26.71 -8.27 -34.81
N GLU A 102 26.34 -7.00 -34.98
CA GLU A 102 26.91 -5.91 -34.19
C GLU A 102 26.82 -6.23 -32.71
N LYS A 103 27.84 -5.85 -31.95
CA LYS A 103 27.87 -6.09 -30.52
C LYS A 103 27.71 -4.70 -29.86
N ARG A 104 26.46 -4.27 -29.71
CA ARG A 104 26.16 -2.96 -29.12
C ARG A 104 26.33 -2.96 -27.61
N SER A 105 26.59 -1.79 -27.03
CA SER A 105 26.73 -1.69 -25.59
C SER A 105 25.43 -1.12 -25.03
N ILE A 106 24.86 -1.80 -24.03
CA ILE A 106 23.59 -1.37 -23.45
C ILE A 106 23.70 -0.10 -22.62
N THR A 107 22.94 0.91 -23.04
CA THR A 107 22.93 2.20 -22.40
C THR A 107 21.60 2.46 -21.73
N LEU A 108 21.52 3.53 -20.95
CA LEU A 108 20.27 3.88 -20.29
C LEU A 108 19.19 4.14 -21.33
N ASP A 109 19.58 4.67 -22.48
CA ASP A 109 18.63 4.97 -23.55
C ASP A 109 17.98 3.69 -24.07
N ILE A 110 18.80 2.68 -24.31
CA ILE A 110 18.26 1.43 -24.81
C ILE A 110 17.31 0.85 -23.76
N LEU A 111 17.70 0.92 -22.49
CA LEU A 111 16.85 0.39 -21.43
C LEU A 111 15.49 1.10 -21.31
N SER A 112 15.48 2.43 -21.43
CA SER A 112 14.22 3.15 -21.33
C SER A 112 13.34 2.93 -22.56
N GLU A 113 13.97 2.78 -23.73
CA GLU A 113 13.19 2.52 -24.95
C GLU A 113 12.46 1.20 -24.71
N GLN A 115 11.78 -0.36 -21.84
CA GLN A 115 10.75 -0.26 -20.82
C GLN A 115 9.54 0.45 -21.42
N SER A 116 9.77 1.41 -22.30
CA SER A 116 8.67 2.10 -22.97
C SER A 116 7.89 1.14 -23.87
N GLU A 117 8.62 0.30 -24.60
CA GLU A 117 8.00 -0.69 -25.48
C GLU A 117 7.06 -1.55 -24.64
N ALA A 118 7.54 -1.95 -23.46
CA ALA A 118 6.76 -2.78 -22.54
C ALA A 118 5.55 -2.07 -22.02
N LEU A 119 5.70 -0.82 -21.60
CA LEU A 119 4.56 -0.07 -21.07
C LEU A 119 3.42 -0.11 -22.06
N GLU A 120 3.78 0.09 -23.33
CA GLU A 120 2.77 0.06 -24.37
C GLU A 120 2.09 -1.28 -24.47
N LYS A 121 2.88 -2.36 -24.53
CA LYS A 121 2.30 -3.69 -24.63
C LYS A 121 1.39 -4.04 -23.45
N LEU A 122 1.73 -3.59 -22.25
CA LEU A 122 0.91 -3.87 -21.08
C LEU A 122 -0.43 -3.15 -21.16
N LYS A 123 -0.50 -2.13 -22.01
CA LYS A 123 -1.74 -1.39 -22.18
C LYS A 123 -2.60 -2.16 -23.17
N GLU A 124 -3.46 -3.03 -22.67
CA GLU A 124 -4.32 -3.84 -23.52
C GLU A 124 -5.34 -4.57 -22.65
N ASN A 125 -6.31 -5.20 -23.30
CA ASN A 125 -7.34 -5.94 -22.58
C ASN A 125 -8.00 -5.03 -21.54
N GLY A 126 -8.10 -3.74 -21.89
CA GLY A 126 -8.71 -2.78 -21.00
C GLY A 126 -7.94 -2.50 -19.71
N LYS A 127 -6.69 -2.94 -19.64
CA LYS A 127 -5.88 -2.70 -18.46
C LYS A 127 -4.84 -1.65 -18.80
N THR A 128 -4.16 -1.14 -17.79
CA THR A 128 -3.10 -0.16 -17.97
C THR A 128 -2.13 -0.30 -16.80
N PRO A 129 -0.82 -0.32 -17.09
CA PRO A 129 0.22 -0.46 -16.07
C PRO A 129 0.46 0.72 -15.14
N LEU A 130 0.61 0.42 -13.85
CA LEU A 130 0.87 1.43 -12.83
C LEU A 130 2.30 1.27 -12.31
N HIS A 131 2.78 0.03 -12.32
CA HIS A 131 4.14 -0.29 -11.89
C HIS A 131 4.78 -1.28 -12.84
N ILE A 132 6.07 -1.11 -13.10
CA ILE A 132 6.81 -2.00 -13.99
C ILE A 132 8.11 -2.38 -13.30
N PHE A 133 8.48 -3.65 -13.42
CA PHE A 133 9.69 -4.12 -12.81
C PHE A 133 10.47 -4.98 -13.79
N SER A 134 11.75 -4.67 -13.97
CA SER A 134 12.59 -5.49 -14.85
C SER A 134 12.81 -6.73 -14.00
N LYS A 135 12.38 -7.88 -14.49
CA LYS A 135 12.51 -9.10 -13.72
C LYS A 135 13.80 -9.87 -13.99
N ARG A 136 14.15 -10.03 -15.26
CA ARG A 136 15.37 -10.72 -15.64
C ARG A 136 15.95 -10.08 -16.89
N TYR A 137 17.25 -10.26 -17.07
CA TYR A 137 17.97 -9.72 -18.21
C TYR A 137 18.78 -10.81 -18.87
N LEU A 138 18.65 -10.92 -20.18
CA LEU A 138 19.34 -11.94 -20.92
C LEU A 138 20.08 -11.29 -22.09
N LEU A 139 21.41 -11.38 -22.13
CA LEU A 139 22.15 -10.79 -23.25
C LEU A 139 22.32 -11.87 -24.30
N ASP A 140 22.05 -11.54 -25.56
CA ASP A 140 22.13 -12.50 -26.65
C ASP A 140 21.94 -13.95 -26.16
N ASP A 141 20.68 -14.30 -25.93
CA ASP A 141 20.21 -15.62 -25.44
C ASP A 141 21.16 -16.45 -24.59
N GLU A 142 20.87 -16.43 -23.30
CA GLU A 142 21.56 -17.14 -22.21
C GLU A 142 22.84 -16.63 -21.53
N ARG A 143 22.64 -15.53 -20.81
CA ARG A 143 23.63 -14.86 -20.00
C ARG A 143 22.76 -14.02 -19.11
N ILE A 144 22.46 -14.55 -17.95
CA ILE A 144 21.64 -13.83 -16.99
C ILE A 144 22.53 -12.85 -16.27
N VAL A 145 22.19 -11.57 -16.38
CA VAL A 145 22.97 -10.55 -15.72
C VAL A 145 22.06 -9.91 -14.66
N PHE A 146 22.66 -9.22 -13.69
CA PHE A 146 21.86 -8.58 -12.66
C PHE A 146 21.68 -7.13 -13.06
N ASN A 147 22.57 -6.68 -13.94
CA ASN A 147 22.53 -5.32 -14.45
C ASN A 147 23.19 -5.30 -15.83
N PRO A 148 22.39 -5.13 -16.89
CA PRO A 148 22.85 -5.10 -18.28
C PRO A 148 23.60 -3.85 -18.69
N LEU A 149 23.47 -2.80 -17.89
CA LEU A 149 24.12 -1.53 -18.20
C LEU A 149 25.63 -1.61 -18.47
N ASP A 150 26.07 -0.93 -19.51
CA ASP A 150 27.48 -0.87 -19.92
C ASP A 150 28.04 -2.16 -20.48
N LYS A 152 28.31 -5.11 -23.36
CA LYS A 152 28.13 -5.22 -24.78
C LYS A 152 27.52 -6.55 -25.13
N ALA A 153 26.37 -6.49 -25.80
CA ALA A 153 25.65 -7.68 -26.21
C ALA A 153 25.28 -7.50 -27.67
N SER A 154 24.83 -8.58 -28.30
CA SER A 154 24.44 -8.51 -29.68
C SER A 154 22.93 -8.59 -29.74
N LYS A 155 22.35 -9.05 -28.65
CA LYS A 155 20.93 -9.23 -28.54
C LYS A 155 20.63 -9.11 -27.05
N ILE A 156 19.42 -8.72 -26.67
CA ILE A 156 19.09 -8.60 -25.25
C ILE A 156 17.59 -8.78 -25.04
N ALA A 157 17.23 -9.55 -24.03
CA ALA A 157 15.83 -9.79 -23.73
C ALA A 157 15.58 -9.46 -22.26
N ILE A 158 14.50 -8.72 -22.00
CA ILE A 158 14.14 -8.33 -20.65
C ILE A 158 12.71 -8.73 -20.37
N GLU A 159 12.49 -9.46 -19.28
CA GLU A 159 11.14 -9.82 -18.92
C GLU A 159 10.71 -8.83 -17.85
N TYR A 160 9.51 -8.27 -17.99
CA TYR A 160 9.00 -7.31 -17.03
C TYR A 160 7.78 -7.83 -16.29
N THR A 161 7.62 -7.41 -15.02
CA THR A 161 6.44 -7.77 -14.24
C THR A 161 5.77 -6.44 -13.99
N SER A 162 4.47 -6.40 -14.20
CA SER A 162 3.75 -5.15 -14.06
C SER A 162 2.46 -5.27 -13.28
N ILE A 163 2.11 -4.23 -12.54
CA ILE A 163 0.85 -4.23 -11.82
C ILE A 163 -0.06 -3.35 -12.64
N VAL A 164 -1.16 -3.92 -13.13
CA VAL A 164 -2.10 -3.17 -13.97
C VAL A 164 -3.47 -3.01 -13.33
N VAL A 165 -4.27 -2.08 -13.87
CA VAL A 165 -5.62 -1.79 -13.39
C VAL A 165 -6.49 -1.57 -14.60
N PRO A 166 -7.79 -1.88 -14.50
CA PRO A 166 -8.61 -1.64 -15.70
C PRO A 166 -8.69 -0.12 -15.87
N LEU A 167 -8.44 0.40 -17.06
CA LEU A 167 -8.46 1.85 -17.25
C LEU A 167 -9.78 2.48 -16.84
N LYS A 168 -10.80 1.64 -16.69
CA LYS A 168 -12.12 2.08 -16.28
C LYS A 168 -11.99 2.70 -14.88
N VAL A 169 -11.27 2.02 -14.00
CA VAL A 169 -11.05 2.48 -12.62
C VAL A 169 -10.07 3.65 -12.68
N TYR A 170 -9.05 3.49 -13.51
CA TYR A 170 -8.05 4.52 -13.69
C TYR A 170 -8.69 5.87 -14.05
N GLU A 171 -9.46 5.92 -15.13
CA GLU A 171 -10.17 7.14 -15.58
C GLU A 171 -10.89 7.82 -14.43
N PHE A 173 -10.52 7.86 -11.20
CA PHE A 173 -9.65 8.61 -10.30
C PHE A 173 -8.92 9.71 -11.02
N TYR A 174 -8.42 9.41 -12.20
CA TYR A 174 -7.67 10.41 -12.96
C TYR A 174 -8.49 11.69 -13.21
N ASN A 175 -9.69 11.53 -13.75
CA ASN A 175 -10.56 12.67 -14.03
C ASN A 175 -10.81 13.57 -12.81
N PHE A 176 -11.29 12.98 -11.72
CA PHE A 176 -11.58 13.74 -10.51
C PHE A 176 -10.36 14.40 -9.88
N LEU A 177 -9.23 13.71 -9.92
CA LEU A 177 -8.00 14.25 -9.33
C LEU A 177 -7.44 15.36 -10.20
N GLN A 178 -7.72 15.28 -11.50
CA GLN A 178 -7.23 16.28 -12.44
C GLN A 178 -7.88 17.63 -12.18
N ASP A 179 -9.11 17.59 -11.67
CA ASP A 179 -9.86 18.82 -11.36
C ASP A 179 -9.64 19.25 -9.92
N THR A 180 -8.74 18.59 -9.21
CA THR A 180 -8.47 18.93 -7.81
C THR A 180 -7.00 19.26 -7.57
N VAL A 181 -6.13 18.40 -8.08
CA VAL A 181 -4.71 18.59 -7.92
C VAL A 181 -4.29 19.60 -8.97
N LYS A 182 -3.74 20.72 -8.52
CA LYS A 182 -3.32 21.75 -9.44
C LYS A 182 -1.91 21.52 -9.94
N SER A 183 -1.67 20.32 -10.46
CA SER A 183 -0.37 19.93 -11.00
C SER A 183 -0.47 18.51 -11.52
N PRO A 184 0.42 18.11 -12.45
CA PRO A 184 0.38 16.75 -13.00
C PRO A 184 0.69 15.74 -11.93
N PHE A 185 0.33 14.49 -12.17
CA PHE A 185 0.55 13.45 -11.19
C PHE A 185 0.59 12.08 -11.84
N GLN A 186 0.88 11.07 -11.03
CA GLN A 186 0.92 9.69 -11.47
C GLN A 186 0.17 8.83 -10.49
N LEU A 187 -0.80 8.07 -10.98
CA LEU A 187 -1.55 7.17 -10.11
C LEU A 187 -0.72 5.92 -9.85
N LYS A 188 -0.88 5.34 -8.67
CA LYS A 188 -0.16 4.12 -8.29
C LYS A 188 -1.02 3.24 -7.40
N SER A 189 -0.68 1.96 -7.36
CA SER A 189 -1.39 1.01 -6.51
C SER A 189 -1.01 1.26 -5.07
N SER A 190 -1.98 1.40 -4.21
CA SER A 190 -1.70 1.66 -2.80
C SER A 190 -1.03 0.45 -2.12
N LEU A 191 -1.33 -0.75 -2.62
CA LEU A 191 -0.77 -1.98 -2.07
C LEU A 191 0.70 -2.14 -2.43
N VAL A 192 1.03 -1.78 -3.67
CA VAL A 192 2.40 -1.91 -4.11
C VAL A 192 3.26 -0.87 -3.41
N SER A 193 2.72 0.34 -3.29
CA SER A 193 3.45 1.41 -2.62
C SER A 193 3.69 1.10 -1.15
N THR A 194 2.68 0.50 -0.50
CA THR A 194 2.81 0.12 0.90
C THR A 194 4.00 -0.81 1.02
N ALA A 195 4.01 -1.84 0.16
CA ALA A 195 5.09 -2.81 0.15
C ALA A 195 6.42 -2.08 -0.06
N GLU A 196 6.47 -1.22 -1.07
CA GLU A 196 7.70 -0.49 -1.34
C GLU A 196 8.15 0.41 -0.19
N GLY A 197 7.25 0.76 0.71
CA GLY A 197 7.63 1.63 1.80
C GLY A 197 7.86 0.96 3.15
N VAL A 198 7.70 -0.36 3.23
CA VAL A 198 7.91 -1.06 4.49
C VAL A 198 8.90 -2.20 4.40
N LEU A 199 9.04 -2.78 3.22
CA LEU A 199 9.93 -3.91 2.98
C LEU A 199 11.41 -3.54 2.98
N THR A 200 12.26 -4.57 2.99
CA THR A 200 13.69 -4.37 2.94
C THR A 200 14.17 -5.17 1.75
N THR A 201 15.28 -4.75 1.17
CA THR A 201 15.85 -5.41 0.01
C THR A 201 16.07 -6.90 0.22
N PRO A 202 16.71 -7.29 1.35
CA PRO A 202 16.92 -8.72 1.55
C PRO A 202 15.57 -9.44 1.61
N GLU A 203 14.57 -8.73 2.12
CA GLU A 203 13.21 -9.25 2.21
C GLU A 203 12.57 -9.37 0.82
N LYS A 204 12.57 -8.29 0.04
CA LYS A 204 11.98 -8.31 -1.31
C LYS A 204 12.70 -9.37 -2.11
N ASP A 205 13.95 -9.61 -1.74
CA ASP A 205 14.78 -10.56 -2.44
C ASP A 205 14.51 -12.02 -2.05
N ARG A 206 14.70 -12.32 -0.77
CA ARG A 206 14.52 -13.68 -0.26
C ARG A 206 13.09 -14.21 -0.29
N GLY A 207 12.11 -13.33 -0.16
CA GLY A 207 10.74 -13.77 -0.18
C GLY A 207 10.04 -13.21 1.02
N VAL A 208 8.95 -12.47 0.79
CA VAL A 208 8.18 -11.86 1.87
C VAL A 208 6.75 -11.63 1.38
N VAL A 209 5.83 -11.67 2.32
CA VAL A 209 4.42 -11.43 2.02
C VAL A 209 3.98 -10.21 2.79
N VAL A 210 3.27 -9.32 2.12
CA VAL A 210 2.76 -8.12 2.75
C VAL A 210 1.26 -8.26 2.84
N VAL A 211 0.76 -8.19 4.06
CA VAL A 211 -0.65 -8.32 4.32
C VAL A 211 -1.16 -6.97 4.82
N ASN A 212 -1.85 -6.23 3.94
CA ASN A 212 -2.41 -4.94 4.30
C ASN A 212 -3.82 -5.11 4.87
N LEU A 213 -3.96 -4.85 6.16
CA LEU A 213 -5.24 -4.96 6.86
C LEU A 213 -6.07 -3.70 6.65
N GLY A 214 -6.53 -3.54 5.41
CA GLY A 214 -7.33 -2.39 5.03
C GLY A 214 -8.76 -2.35 5.51
N TYR A 215 -9.46 -1.32 5.06
CA TYR A 215 -10.86 -1.11 5.44
C TYR A 215 -11.92 -2.05 4.85
N ASN A 216 -12.05 -2.09 3.53
CA ASN A 216 -13.05 -2.95 2.87
C ASN A 216 -12.58 -4.35 2.60
N PHE A 217 -11.27 -4.52 2.53
CA PHE A 217 -10.71 -5.83 2.27
C PHE A 217 -9.28 -5.85 2.77
N THR A 218 -8.67 -7.03 2.69
CA THR A 218 -7.29 -7.22 3.10
C THR A 218 -6.48 -7.46 1.83
N GLY A 219 -5.52 -6.58 1.57
CA GLY A 219 -4.71 -6.71 0.38
C GLY A 219 -3.55 -7.67 0.58
N LEU A 220 -3.26 -8.45 -0.45
CA LEU A 220 -2.17 -9.41 -0.37
C LEU A 220 -1.20 -9.23 -1.51
N ILE A 221 0.08 -9.10 -1.17
CA ILE A 221 1.11 -8.97 -2.19
C ILE A 221 2.38 -9.68 -1.71
N ALA A 222 3.06 -10.37 -2.61
CA ALA A 222 4.28 -11.09 -2.23
C ALA A 222 5.43 -10.75 -3.15
N TYR A 223 6.61 -10.57 -2.57
CA TYR A 223 7.80 -10.24 -3.33
C TYR A 223 8.79 -11.37 -3.24
N LYS A 224 9.60 -11.50 -4.28
CA LYS A 224 10.63 -12.51 -4.37
C LYS A 224 11.58 -12.05 -5.47
N ASN A 225 12.87 -12.05 -5.17
CA ASN A 225 13.87 -11.63 -6.14
C ASN A 225 13.65 -10.16 -6.51
N GLY A 226 13.36 -9.34 -5.50
CA GLY A 226 13.18 -7.91 -5.74
C GLY A 226 11.88 -7.39 -6.35
N VAL A 227 11.05 -8.26 -6.91
CA VAL A 227 9.82 -7.79 -7.52
C VAL A 227 8.61 -8.52 -6.99
N PRO A 228 7.40 -7.99 -7.23
CA PRO A 228 6.23 -8.69 -6.74
C PRO A 228 5.96 -9.90 -7.63
N ILE A 229 5.65 -11.05 -7.03
CA ILE A 229 5.39 -12.25 -7.82
C ILE A 229 3.91 -12.62 -7.76
N LYS A 230 3.19 -12.02 -6.83
CA LYS A 230 1.75 -12.28 -6.70
C LYS A 230 1.05 -11.18 -5.95
N ILE A 231 -0.22 -10.95 -6.28
CA ILE A 231 -1.02 -9.92 -5.64
C ILE A 231 -2.49 -10.30 -5.67
N SER A 232 -3.16 -10.12 -4.54
CA SER A 232 -4.58 -10.43 -4.45
C SER A 232 -5.14 -9.83 -3.17
N TYR A 233 -6.17 -10.47 -2.64
CA TYR A 233 -6.80 -9.95 -1.44
C TYR A 233 -7.83 -10.94 -0.90
N VAL A 234 -8.50 -10.52 0.15
CA VAL A 234 -9.55 -11.29 0.79
C VAL A 234 -10.63 -10.25 0.99
N PRO A 235 -11.86 -10.54 0.54
CA PRO A 235 -13.00 -9.64 0.66
C PRO A 235 -13.45 -9.39 2.10
N VAL A 236 -12.51 -9.44 3.03
CA VAL A 236 -12.79 -9.22 4.44
C VAL A 236 -11.78 -8.21 4.99
N GLY A 237 -12.30 -7.11 5.49
CA GLY A 237 -11.43 -6.08 6.02
C GLY A 237 -11.89 -5.56 7.37
N LYS A 239 -13.67 -2.93 8.01
CA LYS A 239 -15.06 -2.50 7.96
C LYS A 239 -15.96 -3.56 8.57
N HIS A 240 -15.57 -4.82 8.35
CA HIS A 240 -16.31 -5.97 8.85
C HIS A 240 -16.14 -6.20 10.34
N VAL A 241 -14.98 -5.85 10.87
CA VAL A 241 -14.74 -6.00 12.29
C VAL A 241 -15.63 -5.00 13.00
N ILE A 242 -15.76 -3.82 12.41
CA ILE A 242 -16.59 -2.76 12.96
C ILE A 242 -18.07 -3.12 12.86
N LYS A 243 -18.48 -3.74 11.76
CA LYS A 243 -19.87 -4.15 11.62
C LYS A 243 -20.19 -5.14 12.72
N ASP A 244 -19.24 -6.05 12.95
CA ASP A 244 -19.39 -7.08 13.97
C ASP A 244 -19.61 -6.51 15.37
N VAL A 245 -18.75 -5.55 15.75
CA VAL A 245 -18.87 -4.93 17.06
C VAL A 245 -20.18 -4.18 17.20
N SER A 246 -20.58 -3.49 16.14
CA SER A 246 -21.83 -2.75 16.19
C SER A 246 -23.00 -3.71 16.28
N ALA A 247 -22.88 -4.85 15.64
CA ALA A 247 -23.97 -5.81 15.68
C ALA A 247 -24.11 -6.42 17.08
N VAL A 248 -22.99 -6.88 17.65
CA VAL A 248 -23.04 -7.49 18.98
C VAL A 248 -23.47 -6.49 20.03
N LEU A 249 -23.01 -5.25 19.91
CA LEU A 249 -23.38 -4.20 20.86
C LEU A 249 -24.31 -3.23 20.12
N ASP A 250 -25.48 -2.95 20.67
CA ASP A 250 -26.43 -2.06 19.99
C ASP A 250 -25.83 -0.73 19.57
N THR A 251 -24.54 -0.55 19.80
CA THR A 251 -23.84 0.68 19.46
C THR A 251 -23.84 1.07 17.97
N SER A 252 -23.48 2.32 17.72
CA SER A 252 -23.42 2.83 16.35
C SER A 252 -22.10 2.43 15.71
N PHE A 253 -21.99 2.67 14.42
CA PHE A 253 -20.78 2.34 13.70
C PHE A 253 -19.61 3.22 14.13
N GLU A 254 -19.88 4.49 14.40
CA GLU A 254 -18.82 5.40 14.83
C GLU A 254 -18.29 4.98 16.19
N GLU A 255 -19.20 4.69 17.12
CA GLU A 255 -18.84 4.26 18.46
C GLU A 255 -18.10 2.95 18.41
N SER A 256 -18.50 2.10 17.46
CA SER A 256 -17.87 0.80 17.29
C SER A 256 -16.40 0.95 16.92
N GLU A 257 -16.12 1.84 15.98
CA GLU A 257 -14.76 2.10 15.54
C GLU A 257 -13.93 2.73 16.65
N ARG A 258 -14.54 3.66 17.37
CA ARG A 258 -13.86 4.32 18.49
C ARG A 258 -13.35 3.28 19.48
N LEU A 259 -14.20 2.31 19.83
CA LEU A 259 -13.84 1.26 20.77
C LEU A 259 -12.69 0.40 20.27
N ILE A 260 -12.82 -0.02 19.02
CA ILE A 260 -11.82 -0.87 18.38
C ILE A 260 -10.47 -0.17 18.42
N ILE A 261 -10.47 1.07 17.99
CA ILE A 261 -9.26 1.87 17.95
C ILE A 261 -8.67 2.13 19.33
N THR A 262 -9.53 2.34 20.32
CA THR A 262 -9.05 2.64 21.67
C THR A 262 -8.95 1.49 22.68
N HIS A 263 -9.73 0.42 22.49
CA HIS A 263 -9.71 -0.68 23.43
C HIS A 263 -9.47 -2.05 22.81
N GLY A 264 -9.58 -2.14 21.49
CA GLY A 264 -9.39 -3.42 20.84
C GLY A 264 -8.06 -4.11 21.13
N ASN A 265 -8.06 -5.43 21.03
CA ASN A 265 -6.85 -6.21 21.22
C ASN A 265 -7.03 -7.48 20.40
N ALA A 266 -5.95 -7.97 19.82
CA ALA A 266 -6.00 -9.17 19.00
C ALA A 266 -5.95 -10.46 19.83
N VAL A 267 -5.79 -10.30 21.14
CA VAL A 267 -5.71 -11.43 22.06
C VAL A 267 -6.60 -11.15 23.26
N TYR A 268 -7.71 -11.86 23.35
CA TYR A 268 -8.68 -11.65 24.42
C TYR A 268 -8.50 -12.55 25.65
N ASN A 269 -7.97 -13.74 25.44
CA ASN A 269 -7.80 -14.73 26.50
C ASN A 269 -7.21 -14.28 27.84
N ASP A 270 -6.42 -13.21 27.86
CA ASP A 270 -5.81 -12.80 29.12
C ASP A 270 -6.19 -11.42 29.62
N LEU A 271 -7.18 -10.80 28.99
CA LEU A 271 -7.63 -9.45 29.37
C LEU A 271 -8.52 -9.43 30.61
N LYS A 272 -8.52 -8.29 31.31
CA LYS A 272 -9.37 -8.13 32.48
C LYS A 272 -10.79 -7.74 32.04
N GLU A 273 -11.78 -8.21 32.81
CA GLU A 273 -13.18 -7.92 32.52
C GLU A 273 -13.60 -6.53 32.97
N GLU A 274 -12.65 -5.58 32.93
CA GLU A 274 -12.91 -4.22 33.34
C GLU A 274 -14.01 -3.62 32.48
N GLU A 275 -14.84 -2.77 33.08
CA GLU A 275 -15.94 -2.12 32.37
C GLU A 275 -15.48 -1.05 31.39
N ILE A 276 -16.22 -0.95 30.28
CA ILE A 276 -15.97 0.04 29.22
C ILE A 276 -17.36 0.56 28.87
N GLN A 277 -17.55 1.88 28.90
CA GLN A 277 -18.84 2.45 28.56
C GLN A 277 -18.89 2.93 27.12
N TYR A 278 -20.09 3.02 26.57
CA TYR A 278 -20.28 3.50 25.21
C TYR A 278 -21.74 3.87 25.02
N ARG A 279 -21.99 4.82 24.14
CA ARG A 279 -23.36 5.21 23.89
C ARG A 279 -24.07 4.21 23.02
N GLY A 280 -25.32 3.89 23.38
CA GLY A 280 -26.10 2.93 22.62
C GLY A 280 -26.43 3.39 21.21
N LEU A 281 -27.26 2.62 20.50
CA LEU A 281 -27.66 2.95 19.14
C LEU A 281 -28.53 4.21 19.15
N ASP A 282 -28.17 5.18 18.30
CA ASP A 282 -28.86 6.48 18.18
C ASP A 282 -29.54 6.99 19.46
N GLY A 283 -28.76 7.10 20.52
CA GLY A 283 -29.32 7.56 21.77
C GLY A 283 -28.25 7.86 22.80
N ASN A 284 -28.66 8.53 23.86
CA ASN A 284 -27.76 8.87 24.93
C ASN A 284 -27.60 7.61 25.78
N THR A 285 -28.55 6.69 25.69
CA THR A 285 -28.50 5.45 26.47
C THR A 285 -27.11 4.88 26.53
N ILE A 286 -26.41 5.19 27.61
CA ILE A 286 -25.06 4.69 27.78
C ILE A 286 -25.07 3.23 28.20
N LYS A 287 -24.45 2.40 27.39
CA LYS A 287 -24.37 0.96 27.66
C LYS A 287 -22.96 0.63 28.12
N THR A 288 -22.74 -0.63 28.46
CA THR A 288 -21.44 -1.06 28.94
C THR A 288 -21.04 -2.47 28.52
N THR A 289 -19.76 -2.66 28.25
CA THR A 289 -19.18 -3.95 27.86
C THR A 289 -17.89 -4.10 28.66
N THR A 290 -17.12 -5.15 28.37
CA THR A 290 -15.86 -5.34 29.08
C THR A 290 -14.75 -5.34 28.04
N ALA A 291 -13.51 -5.24 28.49
CA ALA A 291 -12.38 -5.23 27.59
C ALA A 291 -12.28 -6.57 26.86
N LYS A 292 -12.52 -7.65 27.59
CA LYS A 292 -12.42 -8.99 27.03
C LYS A 292 -13.51 -9.29 26.01
N LYS A 293 -14.74 -8.90 26.31
CA LYS A 293 -15.83 -9.15 25.37
C LYS A 293 -15.62 -8.44 24.03
N LEU A 294 -15.05 -7.24 24.08
CA LEU A 294 -14.79 -6.49 22.86
C LEU A 294 -13.79 -7.25 22.02
N SER A 295 -12.67 -7.63 22.63
CA SER A 295 -11.61 -8.35 21.93
C SER A 295 -12.03 -9.70 21.40
N VAL A 296 -12.99 -10.33 22.06
CA VAL A 296 -13.50 -11.63 21.62
C VAL A 296 -14.19 -11.47 20.27
N ILE A 297 -14.96 -10.39 20.14
CA ILE A 297 -15.67 -10.08 18.90
C ILE A 297 -14.65 -9.80 17.80
N ILE A 298 -13.65 -8.99 18.12
CA ILE A 298 -12.60 -8.63 17.17
C ILE A 298 -11.81 -9.85 16.74
N HIS A 299 -11.35 -10.62 17.73
CA HIS A 299 -10.56 -11.81 17.48
C HIS A 299 -11.15 -12.70 16.39
N ALA A 300 -12.45 -12.93 16.48
CA ALA A 300 -13.12 -13.78 15.50
C ALA A 300 -12.91 -13.28 14.07
N ARG A 301 -13.18 -12.00 13.85
CA ARG A 301 -13.03 -11.42 12.54
C ARG A 301 -11.61 -11.53 12.03
N LEU A 302 -10.66 -11.26 12.92
CA LEU A 302 -9.25 -11.32 12.56
C LEU A 302 -8.77 -12.72 12.21
N ARG A 303 -9.24 -13.72 12.95
CA ARG A 303 -8.85 -15.09 12.66
C ARG A 303 -9.35 -15.48 11.28
N GLU A 304 -10.53 -14.97 10.93
CA GLU A 304 -11.10 -15.26 9.62
C GLU A 304 -10.25 -14.63 8.51
N ILE A 305 -9.99 -13.33 8.62
CA ILE A 305 -9.19 -12.62 7.63
C ILE A 305 -7.91 -13.35 7.28
N SER A 307 -6.87 -16.68 8.39
CA SER A 307 -7.14 -18.05 8.02
C SER A 307 -7.53 -18.09 6.54
N LYS A 308 -8.19 -17.03 6.09
CA LYS A 308 -8.66 -16.91 4.72
C LYS A 308 -7.54 -16.53 3.75
N SER A 309 -6.58 -15.75 4.23
CA SER A 309 -5.48 -15.35 3.36
C SER A 309 -4.33 -16.32 3.50
N LYS A 310 -4.60 -17.46 4.13
CA LYS A 310 -3.60 -18.50 4.36
C LYS A 310 -3.36 -19.30 3.08
N LYS A 311 -4.39 -19.38 2.25
CA LYS A 311 -4.28 -20.11 0.99
C LYS A 311 -3.35 -19.36 0.04
N PHE A 312 -3.27 -18.04 0.22
CA PHE A 312 -2.41 -17.20 -0.59
C PHE A 312 -0.98 -17.53 -0.22
N PHE A 313 -0.77 -17.69 1.08
CA PHE A 313 0.53 -18.01 1.64
C PHE A 313 1.08 -19.28 0.97
N ARG A 314 0.21 -20.28 0.82
CA ARG A 314 0.59 -21.55 0.21
C ARG A 314 0.73 -21.40 -1.29
N GLU A 315 -0.25 -20.72 -1.89
CA GLU A 315 -0.25 -20.51 -3.32
C GLU A 315 1.06 -19.89 -3.83
N VAL A 316 1.66 -19.01 -3.04
CA VAL A 316 2.91 -18.39 -3.44
C VAL A 316 4.06 -19.29 -3.01
N GLU A 317 3.84 -20.08 -1.97
CA GLU A 317 4.85 -21.01 -1.47
C GLU A 317 5.34 -21.87 -2.61
N ALA A 318 4.54 -21.91 -3.67
CA ALA A 318 4.84 -22.69 -4.87
C ALA A 318 5.70 -21.91 -5.86
N LYS A 319 6.55 -21.01 -5.34
CA LYS A 319 7.42 -20.21 -6.19
C LYS A 319 8.61 -19.67 -5.40
N GLY A 327 7.12 -18.07 0.01
CA GLY A 327 8.46 -17.90 0.56
C GLY A 327 8.43 -17.12 1.86
N ILE A 328 8.99 -17.67 2.91
CA ILE A 328 8.95 -16.97 4.17
C ILE A 328 10.33 -16.61 4.76
N PRO A 329 11.38 -16.65 3.93
CA PRO A 329 12.67 -16.28 4.50
C PRO A 329 12.48 -14.88 5.11
N GLY A 330 11.40 -14.23 4.70
CA GLY A 330 11.06 -12.90 5.20
C GLY A 330 9.76 -12.88 5.97
N GLY A 331 9.00 -13.98 5.91
CA GLY A 331 7.75 -14.04 6.63
C GLY A 331 6.70 -13.06 6.17
N VAL A 332 5.93 -12.53 7.12
CA VAL A 332 4.89 -11.60 6.77
C VAL A 332 5.05 -10.26 7.46
N VAL A 333 4.76 -9.22 6.71
CA VAL A 333 4.85 -7.85 7.20
C VAL A 333 3.41 -7.37 7.18
N LEU A 334 2.89 -6.98 8.35
CA LEU A 334 1.52 -6.50 8.45
C LEU A 334 1.47 -4.98 8.34
N THR A 335 0.62 -4.47 7.46
CA THR A 335 0.49 -3.02 7.30
C THR A 335 -0.96 -2.61 7.29
N GLY A 336 -1.21 -1.29 7.26
CA GLY A 336 -2.56 -0.78 7.25
C GLY A 336 -3.13 -0.59 8.65
N GLY A 337 -4.31 0.00 8.73
CA GLY A 337 -4.94 0.24 10.02
C GLY A 337 -4.97 -0.94 10.97
N GLY A 338 -5.32 -2.12 10.46
CA GLY A 338 -5.37 -3.32 11.26
C GLY A 338 -4.06 -3.67 11.95
N ALA A 339 -2.95 -3.38 11.27
CA ALA A 339 -1.64 -3.67 11.82
C ALA A 339 -1.41 -2.96 13.15
N LYS A 340 -2.27 -1.99 13.45
CA LYS A 340 -2.16 -1.22 14.68
C LYS A 340 -2.93 -1.81 15.86
N ILE A 341 -3.71 -2.87 15.63
CA ILE A 341 -4.43 -3.48 16.74
C ILE A 341 -3.37 -4.12 17.63
N PRO A 342 -3.39 -3.83 18.93
CA PRO A 342 -2.40 -4.40 19.84
C PRO A 342 -2.31 -5.92 19.78
N ARG A 343 -1.08 -6.42 19.77
CA ARG A 343 -0.80 -7.84 19.74
C ARG A 343 -1.33 -8.61 18.55
N ILE A 344 -1.50 -7.93 17.41
CA ILE A 344 -2.01 -8.64 16.25
C ILE A 344 -0.91 -9.48 15.61
N ASN A 345 0.33 -9.10 15.84
CA ASN A 345 1.45 -9.86 15.29
C ASN A 345 1.50 -11.21 15.97
N GLU A 346 1.11 -11.22 17.24
CA GLU A 346 1.09 -12.45 18.01
C GLU A 346 0.03 -13.40 17.49
N LEU A 347 -1.09 -12.85 17.04
CA LEU A 347 -2.18 -13.66 16.51
C LEU A 347 -1.71 -14.17 15.16
N ALA A 348 -1.09 -13.28 14.37
CA ALA A 348 -0.61 -13.64 13.05
C ALA A 348 0.46 -14.76 13.09
N THR A 349 1.37 -14.71 14.05
CA THR A 349 2.40 -15.73 14.14
C THR A 349 1.82 -17.12 14.31
N GLU A 350 0.74 -17.23 15.10
CA GLU A 350 0.11 -18.52 15.32
C GLU A 350 -0.63 -19.02 14.09
N VAL A 351 -1.27 -18.11 13.37
CA VAL A 351 -2.01 -18.49 12.19
C VAL A 351 -1.11 -18.85 11.01
N PHE A 352 -0.16 -17.97 10.72
CA PHE A 352 0.77 -18.17 9.61
C PHE A 352 1.95 -19.04 10.00
N LYS A 353 2.15 -19.22 11.30
CA LYS A 353 3.24 -20.05 11.77
C LYS A 353 4.61 -19.58 11.32
N SER A 354 4.71 -18.34 10.84
CA SER A 354 6.01 -17.85 10.41
C SER A 354 6.29 -16.54 11.12
N PRO A 355 7.49 -15.97 10.92
CA PRO A 355 7.78 -14.69 11.59
C PRO A 355 6.90 -13.55 11.06
N VAL A 356 6.37 -12.76 11.98
CA VAL A 356 5.49 -11.65 11.64
C VAL A 356 6.00 -10.36 12.25
N ARG A 357 5.99 -9.28 11.48
CA ARG A 357 6.43 -7.96 11.96
C ARG A 357 5.50 -6.87 11.44
N THR A 358 5.59 -5.69 12.06
CA THR A 358 4.76 -4.55 11.67
C THR A 358 5.50 -3.73 10.63
N GLY A 359 4.82 -3.40 9.55
CA GLY A 359 5.44 -2.60 8.50
C GLY A 359 5.20 -1.12 8.72
N CYS A 360 6.23 -0.33 8.49
CA CYS A 360 6.16 1.11 8.63
C CYS A 360 7.39 1.62 7.91
N TYR A 361 7.46 2.92 7.65
CA TYR A 361 8.60 3.44 6.93
C TYR A 361 9.93 3.28 7.67
N ALA A 362 9.89 3.46 8.99
CA ALA A 362 11.09 3.35 9.83
C ALA A 362 11.79 1.99 9.76
N ASN A 363 11.05 0.90 9.73
CA ASN A 363 11.65 -0.43 9.67
C ASN A 363 11.98 -0.89 8.25
N SER A 364 12.21 0.03 7.34
CA SER A 364 12.53 -0.35 5.97
C SER A 364 13.97 0.01 5.63
N ASP A 365 14.43 -0.45 4.47
CA ASP A 365 15.77 -0.17 3.98
C ASP A 365 15.88 1.29 3.57
N ARG A 366 14.74 1.88 3.26
CA ARG A 366 14.68 3.26 2.79
C ARG A 366 15.38 4.29 3.66
N PRO A 367 15.83 5.40 3.03
CA PRO A 367 16.53 6.52 3.66
C PRO A 367 15.85 7.03 4.91
N SER A 368 16.64 7.33 5.94
CA SER A 368 16.08 7.81 7.19
C SER A 368 15.67 9.28 7.14
N ILE A 369 14.52 9.55 6.54
CA ILE A 369 14.03 10.92 6.45
C ILE A 369 14.17 11.62 7.81
N ILE A 370 14.59 12.89 7.77
CA ILE A 370 14.80 13.67 8.98
C ILE A 370 13.50 13.86 9.77
N ASN A 371 13.19 15.11 10.11
CA ASN A 371 12.00 15.44 10.88
C ASN A 371 10.76 14.71 10.37
N ALA A 372 10.53 13.51 10.88
CA ALA A 372 9.39 12.66 10.51
C ALA A 372 9.41 11.45 11.43
N ASP A 373 9.01 11.66 12.67
CA ASP A 373 9.02 10.60 13.66
C ASP A 373 7.70 9.86 13.83
N GLU A 374 6.59 10.60 13.78
CA GLU A 374 5.29 9.98 13.96
C GLU A 374 4.73 9.23 12.76
N VAL A 375 4.75 9.84 11.58
CA VAL A 375 4.23 9.17 10.40
C VAL A 375 5.14 8.07 9.85
N ALA A 376 6.45 8.19 10.07
CA ALA A 376 7.38 7.19 9.61
C ALA A 376 7.22 5.89 10.42
N ASN A 377 6.65 6.03 11.62
CA ASN A 377 6.41 4.90 12.52
C ASN A 377 4.97 4.48 12.48
N ASP A 378 4.18 5.12 11.61
CA ASP A 378 2.76 4.83 11.47
C ASP A 378 2.52 3.96 10.23
N PRO A 379 1.99 2.74 10.42
CA PRO A 379 1.68 1.78 9.36
C PRO A 379 0.77 2.36 8.29
N SER A 380 -0.10 3.26 8.70
CA SER A 380 -1.06 3.92 7.81
C SER A 380 -0.44 4.89 6.81
N PHE A 381 0.84 5.21 6.97
CA PHE A 381 1.48 6.14 6.05
C PHE A 381 2.46 5.44 5.14
N ALA A 382 2.59 4.13 5.32
CA ALA A 382 3.52 3.36 4.52
C ALA A 382 3.44 3.74 3.03
N ALA A 383 2.27 3.56 2.44
CA ALA A 383 2.06 3.88 1.04
C ALA A 383 2.54 5.28 0.72
N ALA A 384 2.10 6.26 1.51
CA ALA A 384 2.51 7.66 1.29
C ALA A 384 4.01 7.73 1.02
N PHE A 385 4.81 7.05 1.84
CA PHE A 385 6.24 7.04 1.62
C PHE A 385 6.58 6.26 0.36
N GLY A 386 5.96 5.10 0.22
CA GLY A 386 6.22 4.28 -0.96
C GLY A 386 6.07 5.02 -2.28
N ASN A 387 4.98 5.75 -2.43
CA ASN A 387 4.73 6.51 -3.66
C ASN A 387 5.96 7.27 -4.13
N VAL A 388 6.65 7.94 -3.20
CA VAL A 388 7.82 8.71 -3.56
C VAL A 388 9.00 7.84 -3.94
N PHE A 389 9.32 6.85 -3.11
CA PHE A 389 10.46 5.99 -3.41
C PHE A 389 10.20 4.92 -4.47
N ALA A 390 8.94 4.68 -4.79
CA ALA A 390 8.62 3.70 -5.82
C ALA A 390 8.89 4.36 -7.16
N VAL A 391 9.59 5.49 -7.11
CA VAL A 391 9.98 6.31 -8.27
C VAL A 391 11.47 6.66 -8.21
N SER A 392 11.79 7.80 -7.60
CA SER A 392 13.19 8.24 -7.46
C SER A 392 13.37 9.34 -6.39
#